data_5X6M
#
_entry.id   5X6M
#
_cell.length_a   119.464
_cell.length_b   119.464
_cell.length_c   93.067
_cell.angle_alpha   90.00
_cell.angle_beta   90.00
_cell.angle_gamma   120.00
#
_symmetry.space_group_name_H-M   'P 31'
#
loop_
_entity.id
_entity.type
_entity.pdbx_description
1 polymer 'Mothers against decapentaplegic homolog 5'
2 polymer "DNA (5'-D(P*AP*TP*CP*AP*GP*AP*CP*TP*GP*CP*CP*GP*GP*CP*AP*GP*TP*CP*TP*AP*TP*A)-3')"
3 polymer "DNA (5'-D(P*TP*TP*AP*TP*AP*GP*AP*CP*TP*GP*CP*CP*GP*GP*CP*AP*GP*TP*CP*TP*GP*A)-3')"
4 non-polymer 'ZINC ION'
#
loop_
_entity_poly.entity_id
_entity_poly.type
_entity_poly.pdbx_seq_one_letter_code
_entity_poly.pdbx_strand_id
1 'polypeptide(L)'
;MTSMASLFSFTSPAVKRLLGWKQGDEEEKWAEKAVDALVKKLKKKKGAMEELEKALSSPGQPSKCVTIPRSLDGRLQVSH
RKGLPHVIYCRVWRWPDLQSHHELKPLDICEFPFGSKQKEVCINPYHYKRVESPVLPPVLVPRLEHHHHH
;
B,A,E,F
2 'polydeoxyribonucleotide'
;(DA)(DT)(DC)(DA)(DG)(DA)(DC)(DT)(DG)(DC)(DC)(DG)(DG)(DC)(DA)(DG)(DT)(DC)(DT)(DA)
(DT)(DA)
;
C,G
3 'polydeoxyribonucleotide'
;(DT)(DT)(DA)(DT)(DA)(DG)(DA)(DC)(DT)(DG)(DC)(DC)(DG)(DG)(DC)(DA)(DG)(DT)(DC)(DT)
(DG)(DA)
;
D,H
#
loop_
_chem_comp.id
_chem_comp.type
_chem_comp.name
_chem_comp.formula
DA DNA linking 2'-DEOXYADENOSINE-5'-MONOPHOSPHATE 'C10 H14 N5 O6 P'
DC DNA linking 2'-DEOXYCYTIDINE-5'-MONOPHOSPHATE 'C9 H14 N3 O7 P'
DG DNA linking 2'-DEOXYGUANOSINE-5'-MONOPHOSPHATE 'C10 H14 N5 O7 P'
DT DNA linking THYMIDINE-5'-MONOPHOSPHATE 'C10 H15 N2 O8 P'
ZN non-polymer 'ZINC ION' 'Zn 2'
#
# COMPACT_ATOMS: atom_id res chain seq x y z
N PRO A 13 28.82 -2.47 26.38
CA PRO A 13 29.58 -3.42 27.22
C PRO A 13 30.03 -4.69 26.45
N ALA A 14 29.68 -5.87 26.97
CA ALA A 14 29.76 -7.10 26.18
C ALA A 14 28.88 -7.02 24.95
N VAL A 15 27.79 -6.27 25.06
CA VAL A 15 26.87 -6.03 23.95
C VAL A 15 27.63 -5.50 22.76
N LYS A 16 28.70 -4.73 23.02
CA LYS A 16 29.50 -4.21 21.93
C LYS A 16 30.07 -5.37 21.12
N ARG A 17 30.44 -6.45 21.79
CA ARG A 17 30.96 -7.60 21.08
C ARG A 17 29.90 -8.21 20.17
N LEU A 18 28.68 -8.37 20.70
CA LEU A 18 27.61 -8.99 19.93
C LEU A 18 27.18 -8.12 18.76
N LEU A 19 27.08 -6.81 18.99
CA LEU A 19 26.60 -5.93 17.92
C LEU A 19 27.58 -5.86 16.78
N GLY A 20 28.85 -6.17 17.04
CA GLY A 20 29.79 -6.38 15.95
C GLY A 20 29.34 -7.50 15.02
N TRP A 21 28.63 -8.48 15.55
CA TRP A 21 28.13 -9.58 14.74
C TRP A 21 26.85 -9.23 14.02
N LYS A 22 26.23 -8.09 14.36
CA LYS A 22 24.91 -7.76 13.83
C LYS A 22 24.96 -7.56 12.33
N GLN A 23 23.92 -8.00 11.65
CA GLN A 23 23.85 -7.74 10.24
C GLN A 23 23.22 -6.38 9.98
N GLY A 24 23.52 -5.83 8.81
CA GLY A 24 23.04 -4.52 8.41
C GLY A 24 22.03 -4.63 7.28
N ASP A 25 20.99 -3.81 7.36
CA ASP A 25 19.93 -3.79 6.37
C ASP A 25 20.47 -3.24 5.06
N GLU A 26 19.74 -3.52 3.98
CA GLU A 26 20.24 -3.16 2.66
C GLU A 26 20.60 -1.70 2.58
N GLU A 27 19.79 -0.85 3.21
CA GLU A 27 20.03 0.59 3.17
C GLU A 27 21.35 0.95 3.83
N GLU A 28 21.59 0.38 5.01
CA GLU A 28 22.83 0.69 5.69
C GLU A 28 24.01 0.19 4.88
N LYS A 29 23.83 -0.88 4.13
CA LYS A 29 24.90 -1.26 3.23
C LYS A 29 25.04 -0.19 2.17
N TRP A 30 23.90 0.30 1.67
CA TRP A 30 23.93 1.35 0.65
C TRP A 30 24.52 2.61 1.21
N ALA A 31 24.19 2.95 2.46
CA ALA A 31 24.71 4.17 3.08
C ALA A 31 26.23 4.13 3.10
N GLU A 32 26.81 2.99 3.51
CA GLU A 32 28.26 2.88 3.55
C GLU A 32 28.84 3.11 2.16
N LYS A 33 28.23 2.51 1.14
CA LYS A 33 28.74 2.67 -0.22
C LYS A 33 28.64 4.12 -0.67
N ALA A 34 27.56 4.79 -0.31
CA ALA A 34 27.41 6.19 -0.71
C ALA A 34 28.45 7.07 -0.02
N VAL A 35 28.70 6.83 1.26
CA VAL A 35 29.73 7.57 1.96
C VAL A 35 31.09 7.31 1.33
N ASP A 36 31.35 6.06 0.93
CA ASP A 36 32.63 5.76 0.29
C ASP A 36 32.78 6.59 -0.99
N ALA A 37 31.69 6.74 -1.74
CA ALA A 37 31.72 7.55 -2.95
C ALA A 37 32.03 9.00 -2.62
N LEU A 38 31.49 9.50 -1.50
CA LEU A 38 31.67 10.92 -1.19
C LEU A 38 33.13 11.26 -0.94
N VAL A 39 33.79 10.52 -0.04
CA VAL A 39 35.17 10.86 0.25
C VAL A 39 36.04 10.77 -1.00
N LYS A 40 35.76 9.80 -1.89
CA LYS A 40 36.55 9.65 -3.11
C LYS A 40 36.51 10.90 -3.98
N LYS A 41 35.34 11.46 -4.20
CA LYS A 41 35.27 12.76 -4.88
C LYS A 41 35.77 13.86 -3.93
N LEU A 42 35.54 13.69 -2.63
CA LEU A 42 35.92 14.70 -1.64
C LEU A 42 37.41 14.71 -1.35
N LYS A 43 38.07 13.54 -1.40
CA LYS A 43 39.51 13.47 -1.16
C LYS A 43 40.31 14.30 -2.16
N LYS A 44 39.80 14.44 -3.39
CA LYS A 44 40.49 15.25 -4.39
C LYS A 44 40.65 16.70 -3.91
N LYS A 45 39.64 17.23 -3.22
CA LYS A 45 39.77 18.52 -2.54
C LYS A 45 40.50 18.32 -1.21
N LYS A 46 41.42 19.22 -0.90
CA LYS A 46 42.30 19.03 0.24
C LYS A 46 41.69 19.62 1.50
N GLY A 47 41.67 18.84 2.58
CA GLY A 47 41.14 19.33 3.83
C GLY A 47 39.63 19.37 3.94
N ALA A 48 38.90 19.17 2.84
CA ALA A 48 37.45 19.29 2.88
C ALA A 48 36.85 18.37 3.92
N MET A 49 37.45 17.18 4.11
CA MET A 49 36.97 16.24 5.12
C MET A 49 37.06 16.87 6.51
N GLU A 50 38.13 17.61 6.78
CA GLU A 50 38.31 18.20 8.11
C GLU A 50 37.23 19.22 8.42
N GLU A 51 36.91 20.10 7.46
CA GLU A 51 35.81 21.04 7.68
C GLU A 51 34.51 20.28 7.85
N LEU A 52 34.30 19.25 7.02
CA LEU A 52 33.12 18.40 7.11
C LEU A 52 33.11 17.62 8.42
N GLU A 53 34.24 17.00 8.78
CA GLU A 53 34.28 16.27 10.04
C GLU A 53 34.09 17.21 11.23
N LYS A 54 34.69 18.40 11.18
CA LYS A 54 34.50 19.38 12.25
C LYS A 54 33.05 19.84 12.31
N ALA A 55 32.43 20.06 11.15
CA ALA A 55 31.01 20.45 11.09
C ALA A 55 30.15 19.36 11.70
N LEU A 56 30.43 18.11 11.30
CA LEU A 56 29.72 16.99 11.90
C LEU A 56 30.12 16.83 13.36
N SER A 57 31.40 17.10 13.67
CA SER A 57 31.86 16.98 15.03
C SER A 57 31.16 17.97 15.95
N SER A 58 30.99 19.21 15.51
CA SER A 58 30.33 20.25 16.30
C SER A 58 29.12 20.81 15.58
N PRO A 59 27.90 20.68 16.13
CA PRO A 59 26.74 21.24 15.43
C PRO A 59 26.72 22.76 15.46
N GLY A 60 27.09 23.37 16.58
CA GLY A 60 26.97 24.80 16.78
C GLY A 60 27.75 25.71 15.84
N GLN A 61 29.07 25.61 15.85
CA GLN A 61 29.91 26.44 15.01
C GLN A 61 29.64 26.18 13.53
N PRO A 62 29.27 27.19 12.75
CA PRO A 62 29.10 27.00 11.29
C PRO A 62 30.41 26.58 10.63
N SER A 63 30.29 25.92 9.48
CA SER A 63 31.44 25.40 8.75
C SER A 63 31.32 25.65 7.26
N LYS A 64 32.47 25.66 6.58
CA LYS A 64 32.50 26.04 5.17
C LYS A 64 31.79 25.01 4.28
N CYS A 65 31.34 25.48 3.11
CA CYS A 65 30.71 24.60 2.13
C CYS A 65 31.66 23.52 1.62
N VAL A 66 31.12 22.32 1.54
CA VAL A 66 31.74 21.21 0.87
C VAL A 66 30.92 20.90 -0.37
N THR A 67 31.56 20.90 -1.52
CA THR A 67 30.83 20.89 -2.78
C THR A 67 31.21 19.65 -3.57
N ILE A 68 30.32 19.28 -4.48
CA ILE A 68 30.58 18.21 -5.45
C ILE A 68 29.98 18.66 -6.77
N PRO A 69 30.53 18.15 -7.88
CA PRO A 69 29.99 18.60 -9.18
C PRO A 69 28.53 18.25 -9.27
N ARG A 70 27.76 19.18 -9.81
CA ARG A 70 26.32 19.04 -9.90
C ARG A 70 25.97 18.57 -11.30
N SER A 71 25.23 17.46 -11.38
CA SER A 71 24.93 16.95 -12.70
C SER A 71 23.85 17.81 -13.36
N LEU A 72 23.73 17.63 -14.67
CA LEU A 72 22.67 18.31 -15.38
C LEU A 72 21.33 17.90 -14.83
N ASP A 73 21.19 16.60 -14.61
CA ASP A 73 19.98 16.00 -14.08
C ASP A 73 19.80 16.33 -12.59
N GLY A 74 20.90 16.56 -11.88
CA GLY A 74 20.92 16.84 -10.47
C GLY A 74 20.97 15.61 -9.61
N ARG A 75 20.86 14.43 -10.23
CA ARG A 75 20.88 13.16 -9.54
C ARG A 75 22.28 12.59 -9.40
N LEU A 76 22.62 12.18 -8.19
CA LEU A 76 23.82 11.40 -7.93
C LEU A 76 23.45 9.93 -8.06
N GLN A 77 24.39 9.11 -8.46
CA GLN A 77 24.15 7.66 -8.45
C GLN A 77 25.21 6.98 -7.60
N VAL A 78 24.74 6.06 -6.77
CA VAL A 78 25.62 5.13 -6.08
C VAL A 78 25.06 3.73 -6.26
N SER A 79 25.79 2.88 -6.98
CA SER A 79 25.48 1.46 -7.15
C SER A 79 24.04 1.23 -7.62
N HIS A 80 23.67 1.92 -8.68
CA HIS A 80 22.43 1.72 -9.44
C HIS A 80 21.25 2.47 -8.82
N ARG A 81 21.44 3.15 -7.69
CA ARG A 81 20.36 3.88 -7.03
C ARG A 81 20.65 5.37 -7.16
N LYS A 82 19.79 6.09 -7.85
CA LYS A 82 19.94 7.52 -7.99
C LYS A 82 19.37 8.25 -6.78
N GLY A 83 19.86 9.43 -6.48
CA GLY A 83 19.40 10.22 -5.36
C GLY A 83 19.81 11.66 -5.51
N LEU A 84 19.37 12.49 -4.58
CA LEU A 84 19.76 13.89 -4.59
C LEU A 84 20.84 14.08 -3.55
N PRO A 85 22.02 14.56 -3.94
CA PRO A 85 23.17 14.44 -3.03
C PRO A 85 22.94 15.03 -1.66
N HIS A 86 22.36 16.23 -1.58
CA HIS A 86 22.14 16.80 -0.25
C HIS A 86 21.16 15.95 0.55
N VAL A 87 20.21 15.29 -0.12
CA VAL A 87 19.27 14.45 0.63
C VAL A 87 20.00 13.25 1.20
N ILE A 88 20.76 12.57 0.34
CA ILE A 88 21.47 11.36 0.75
C ILE A 88 22.25 11.61 2.02
N TYR A 89 23.06 12.66 2.03
CA TYR A 89 23.92 12.83 3.19
C TYR A 89 23.18 13.38 4.40
N CYS A 90 22.18 14.23 4.22
CA CYS A 90 21.38 14.64 5.37
C CYS A 90 20.73 13.42 6.01
N ARG A 91 20.34 12.47 5.16
CA ARG A 91 19.74 11.23 5.64
C ARG A 91 20.72 10.37 6.40
N VAL A 92 21.99 10.36 5.97
CA VAL A 92 23.02 9.58 6.66
C VAL A 92 23.33 10.16 8.05
N TRP A 93 23.66 11.46 8.12
CA TRP A 93 24.19 12.06 9.35
C TRP A 93 23.17 12.75 10.25
N ARG A 94 22.00 13.14 9.75
CA ARG A 94 20.99 13.81 10.58
C ARG A 94 19.71 13.03 10.69
N TRP A 95 18.88 13.01 9.64
CA TRP A 95 17.57 12.38 9.71
C TRP A 95 17.54 11.10 8.87
N PRO A 96 17.50 9.92 9.49
CA PRO A 96 17.41 8.71 8.67
C PRO A 96 16.10 8.61 7.89
N ASP A 97 15.02 9.16 8.40
CA ASP A 97 13.72 9.05 7.78
C ASP A 97 13.41 10.14 6.76
N LEU A 98 14.38 10.99 6.41
CA LEU A 98 14.09 12.04 5.43
C LEU A 98 13.57 11.45 4.12
N GLN A 99 12.36 11.87 3.69
CA GLN A 99 11.75 11.22 2.53
C GLN A 99 12.09 11.88 1.19
N SER A 100 12.15 13.20 1.14
CA SER A 100 12.41 13.84 -0.14
C SER A 100 12.97 15.21 0.13
N HIS A 101 13.47 15.84 -0.93
CA HIS A 101 14.12 17.13 -0.79
C HIS A 101 13.18 18.23 -0.32
N HIS A 102 11.88 18.07 -0.55
CA HIS A 102 10.91 19.04 -0.06
C HIS A 102 10.99 19.20 1.45
N GLU A 103 11.41 18.16 2.14
CA GLU A 103 11.49 18.24 3.59
C GLU A 103 12.70 19.06 4.04
N LEU A 104 13.60 19.41 3.12
CA LEU A 104 14.83 20.10 3.47
C LEU A 104 14.75 21.59 3.16
N LYS A 105 15.20 22.39 4.11
CA LYS A 105 15.25 23.82 3.90
C LYS A 105 16.71 24.23 3.89
N PRO A 106 17.16 24.89 2.84
CA PRO A 106 18.53 25.40 2.84
C PRO A 106 18.58 26.57 3.79
N LEU A 107 19.77 26.94 4.18
CA LEU A 107 19.87 28.06 5.10
C LEU A 107 20.24 29.34 4.33
N ASP A 108 19.75 30.48 4.83
CA ASP A 108 20.27 31.75 4.34
C ASP A 108 21.78 31.79 4.57
N ILE A 109 22.20 31.09 5.62
CA ILE A 109 23.61 31.02 6.02
C ILE A 109 24.46 30.31 4.96
N CYS A 110 23.91 29.29 4.29
CA CYS A 110 24.70 28.45 3.39
C CYS A 110 25.03 29.20 2.11
N GLU A 111 26.30 29.12 1.69
CA GLU A 111 26.74 29.72 0.44
C GLU A 111 26.22 28.94 -0.76
N PHE A 112 26.19 27.61 -0.64
CA PHE A 112 25.78 26.74 -1.74
C PHE A 112 24.73 25.70 -1.41
N PRO A 113 23.47 26.01 -1.73
CA PRO A 113 22.32 25.12 -1.52
C PRO A 113 21.85 24.42 -2.81
N PHE A 114 21.13 23.30 -2.69
CA PHE A 114 20.67 22.56 -3.87
C PHE A 114 19.79 23.39 -4.80
N GLY A 115 18.94 24.25 -4.24
CA GLY A 115 18.10 25.07 -5.10
C GLY A 115 18.93 25.93 -6.03
N SER A 116 20.15 26.28 -5.60
CA SER A 116 21.06 27.02 -6.46
C SER A 116 21.32 26.20 -7.71
N LYS A 117 21.36 26.85 -8.86
CA LYS A 117 21.53 26.15 -10.13
C LYS A 117 22.94 26.28 -10.70
N GLN A 118 23.95 26.56 -9.87
CA GLN A 118 25.31 26.59 -10.36
C GLN A 118 25.79 25.15 -10.59
N LYS A 119 26.95 25.01 -11.23
CA LYS A 119 27.48 23.68 -11.53
C LYS A 119 28.32 23.13 -10.38
N GLU A 120 27.82 23.31 -9.15
CA GLU A 120 28.35 22.65 -7.96
C GLU A 120 27.27 22.66 -6.88
N VAL A 121 27.37 21.73 -5.93
CA VAL A 121 26.40 21.64 -4.83
C VAL A 121 27.10 21.41 -3.50
N CYS A 122 26.62 22.08 -2.46
CA CYS A 122 27.13 21.91 -1.11
C CYS A 122 26.24 20.93 -0.37
N ILE A 123 26.86 19.86 0.15
CA ILE A 123 26.15 18.71 0.71
C ILE A 123 26.33 18.73 2.23
N ASN A 124 26.51 19.92 2.80
CA ASN A 124 26.78 20.01 4.23
C ASN A 124 25.56 19.71 5.06
N PRO A 125 25.57 18.67 5.88
CA PRO A 125 24.59 18.61 6.96
C PRO A 125 24.81 19.80 7.89
N TYR A 126 23.81 20.03 8.73
CA TYR A 126 23.80 21.17 9.63
C TYR A 126 23.77 22.48 8.86
N HIS A 127 23.88 22.43 7.53
CA HIS A 127 23.63 23.58 6.69
C HIS A 127 22.21 23.60 6.15
N TYR A 128 21.41 22.60 6.45
CA TYR A 128 20.02 22.57 6.01
C TYR A 128 19.17 22.35 7.25
N LYS A 129 17.88 22.62 7.11
CA LYS A 129 16.96 22.48 8.22
C LYS A 129 15.75 21.66 7.78
N ARG A 130 15.15 20.93 8.70
CA ARG A 130 14.04 20.07 8.34
C ARG A 130 12.71 20.78 8.53
N VAL A 131 11.83 20.63 7.54
CA VAL A 131 10.54 21.32 7.45
C VAL A 131 9.46 20.32 7.02
N GLU A 132 8.20 20.59 7.41
CA GLU A 132 7.08 19.76 6.95
C GLU A 132 6.76 19.97 5.47
N SER A 133 6.78 18.89 4.66
CA SER A 133 6.42 18.90 3.23
C SER A 133 4.97 19.32 2.98
N PRO A 134 4.63 19.83 1.73
CA PRO A 134 3.24 20.25 1.36
C PRO A 134 2.24 19.07 1.32
N SER D 12 -35.75 -11.60 -9.38
CA SER D 12 -37.05 -11.28 -8.81
C SER D 12 -37.40 -9.78 -8.90
N PRO D 13 -38.71 -9.46 -9.03
CA PRO D 13 -39.11 -8.06 -9.32
C PRO D 13 -39.03 -7.11 -8.14
N ALA D 14 -39.42 -7.55 -6.94
CA ALA D 14 -39.33 -6.67 -5.79
C ALA D 14 -37.89 -6.24 -5.57
N VAL D 15 -36.96 -7.16 -5.78
CA VAL D 15 -35.54 -6.84 -5.67
C VAL D 15 -35.18 -5.74 -6.67
N LYS D 16 -35.79 -5.79 -7.85
CA LYS D 16 -35.57 -4.73 -8.83
C LYS D 16 -36.11 -3.41 -8.32
N ARG D 17 -37.25 -3.47 -7.62
CA ARG D 17 -37.83 -2.24 -7.10
C ARG D 17 -36.89 -1.60 -6.11
N LEU D 18 -36.33 -2.40 -5.19
CA LEU D 18 -35.38 -1.88 -4.21
C LEU D 18 -34.06 -1.44 -4.85
N LEU D 19 -33.56 -2.25 -5.78
CA LEU D 19 -32.25 -1.97 -6.36
C LEU D 19 -32.29 -0.78 -7.31
N GLY D 20 -33.49 -0.38 -7.72
CA GLY D 20 -33.63 0.90 -8.40
C GLY D 20 -33.09 2.02 -7.52
N TRP D 21 -33.15 1.85 -6.20
CA TRP D 21 -32.73 2.89 -5.28
C TRP D 21 -31.24 2.82 -4.94
N LYS D 22 -30.51 1.87 -5.52
CA LYS D 22 -29.10 1.66 -5.20
C LYS D 22 -28.24 2.80 -5.71
N GLN D 23 -27.23 3.14 -4.95
CA GLN D 23 -26.25 4.13 -5.36
C GLN D 23 -25.12 3.50 -6.17
N GLY D 24 -24.46 4.31 -6.97
CA GLY D 24 -23.38 3.85 -7.83
C GLY D 24 -22.07 4.46 -7.38
N ASP D 25 -20.99 3.68 -7.47
CA ASP D 25 -19.68 4.15 -7.05
C ASP D 25 -19.19 5.24 -8.00
N GLU D 26 -18.20 6.00 -7.54
CA GLU D 26 -17.69 7.12 -8.32
C GLU D 26 -17.36 6.68 -9.73
N GLU D 27 -16.78 5.46 -9.85
CA GLU D 27 -16.37 4.93 -11.15
C GLU D 27 -17.57 4.66 -12.03
N GLU D 28 -18.58 3.98 -11.50
CA GLU D 28 -19.77 3.71 -12.29
C GLU D 28 -20.40 5.00 -12.75
N LYS D 29 -20.42 5.99 -11.88
CA LYS D 29 -20.91 7.30 -12.25
C LYS D 29 -20.07 7.84 -13.39
N TRP D 30 -18.76 7.62 -13.30
CA TRP D 30 -17.85 8.06 -14.37
C TRP D 30 -18.04 7.28 -15.67
N ALA D 31 -18.23 5.95 -15.59
CA ALA D 31 -18.38 5.16 -16.80
C ALA D 31 -19.50 5.72 -17.65
N GLU D 32 -20.62 6.08 -17.01
CA GLU D 32 -21.70 6.69 -17.75
C GLU D 32 -21.24 7.98 -18.42
N LYS D 33 -20.48 8.80 -17.71
CA LYS D 33 -20.01 10.06 -18.28
C LYS D 33 -19.09 9.82 -19.47
N ALA D 34 -18.24 8.79 -19.40
CA ALA D 34 -17.36 8.47 -20.51
C ALA D 34 -18.16 7.97 -21.70
N VAL D 35 -19.13 7.10 -21.45
CA VAL D 35 -19.99 6.62 -22.54
C VAL D 35 -20.74 7.78 -23.18
N ASP D 36 -21.22 8.73 -22.39
CA ASP D 36 -21.88 9.89 -22.98
C ASP D 36 -20.91 10.68 -23.86
N ALA D 37 -19.68 10.86 -23.38
CA ALA D 37 -18.70 11.61 -24.17
C ALA D 37 -18.46 10.97 -25.52
N LEU D 38 -18.35 9.63 -25.55
CA LEU D 38 -18.09 8.92 -26.79
C LEU D 38 -19.25 9.07 -27.77
N VAL D 39 -20.47 8.86 -27.29
CA VAL D 39 -21.63 8.91 -28.19
C VAL D 39 -21.69 10.29 -28.85
N LYS D 40 -21.44 11.35 -28.09
CA LYS D 40 -21.42 12.69 -28.66
C LYS D 40 -20.34 12.81 -29.73
N LYS D 41 -19.14 12.28 -29.45
CA LYS D 41 -18.07 12.28 -30.43
C LYS D 41 -18.38 11.31 -31.57
N LEU D 42 -19.01 10.17 -31.25
CA LEU D 42 -19.31 9.11 -32.21
C LEU D 42 -20.53 9.39 -33.07
N LYS D 43 -21.42 10.29 -32.63
CA LYS D 43 -22.64 10.57 -33.38
C LYS D 43 -22.34 11.28 -34.69
N LYS D 44 -21.28 12.08 -34.72
CA LYS D 44 -20.94 12.83 -35.93
C LYS D 44 -20.68 11.91 -37.12
N LYS D 45 -19.95 10.81 -36.94
CA LYS D 45 -19.89 9.80 -37.99
C LYS D 45 -21.15 8.93 -37.88
N LYS D 46 -21.80 8.69 -39.01
CA LYS D 46 -23.13 8.08 -38.99
C LYS D 46 -23.10 6.57 -39.12
N GLY D 47 -22.15 6.01 -39.88
CA GLY D 47 -22.13 4.57 -40.04
C GLY D 47 -21.49 3.84 -38.87
N ALA D 48 -20.65 4.54 -38.09
CA ALA D 48 -19.97 3.91 -36.96
C ALA D 48 -20.93 3.55 -35.83
N MET D 49 -21.94 4.38 -35.57
CA MET D 49 -22.80 4.16 -34.40
C MET D 49 -23.52 2.81 -34.42
N GLU D 50 -24.12 2.44 -35.54
CA GLU D 50 -24.87 1.17 -35.57
C GLU D 50 -23.95 -0.03 -35.39
N GLU D 51 -22.79 0.00 -36.05
CA GLU D 51 -21.84 -1.09 -35.97
C GLU D 51 -21.34 -1.31 -34.55
N LEU D 52 -21.09 -0.23 -33.81
CA LEU D 52 -20.64 -0.40 -32.44
C LEU D 52 -21.69 -1.16 -31.65
N GLU D 53 -22.96 -0.77 -31.78
CA GLU D 53 -24.02 -1.47 -31.09
C GLU D 53 -24.08 -2.93 -31.56
N LYS D 54 -23.93 -3.15 -32.87
CA LYS D 54 -23.94 -4.50 -33.42
C LYS D 54 -22.80 -5.34 -32.86
N ALA D 55 -21.61 -4.74 -32.70
CA ALA D 55 -20.47 -5.47 -32.12
C ALA D 55 -20.76 -5.88 -30.68
N LEU D 56 -21.27 -4.95 -29.87
CA LEU D 56 -21.68 -5.35 -28.53
C LEU D 56 -22.90 -6.24 -28.59
N SER D 57 -23.83 -5.95 -29.50
CA SER D 57 -25.01 -6.78 -29.64
C SER D 57 -24.65 -8.20 -30.05
N SER D 58 -23.68 -8.35 -30.94
CA SER D 58 -23.33 -9.67 -31.45
C SER D 58 -21.94 -10.06 -30.99
N PRO D 59 -21.81 -11.11 -30.18
CA PRO D 59 -20.48 -11.51 -29.73
C PRO D 59 -19.68 -12.22 -30.80
N GLY D 60 -20.33 -13.10 -31.58
CA GLY D 60 -19.63 -14.00 -32.48
C GLY D 60 -19.18 -13.39 -33.80
N GLN D 61 -20.03 -12.59 -34.42
CA GLN D 61 -19.65 -12.03 -35.70
C GLN D 61 -18.78 -10.79 -35.51
N PRO D 62 -17.67 -10.69 -36.24
CA PRO D 62 -16.80 -9.51 -36.11
C PRO D 62 -17.43 -8.28 -36.74
N SER D 63 -17.01 -7.11 -36.25
CA SER D 63 -17.52 -5.84 -36.75
C SER D 63 -16.37 -4.84 -36.91
N LYS D 64 -16.57 -3.90 -37.86
CA LYS D 64 -15.55 -2.97 -38.35
C LYS D 64 -15.11 -1.94 -37.30
N CYS D 65 -13.92 -1.37 -37.55
CA CYS D 65 -13.35 -0.31 -36.71
C CYS D 65 -14.31 0.86 -36.52
N VAL D 66 -14.47 1.29 -35.29
CA VAL D 66 -15.17 2.51 -34.94
C VAL D 66 -14.13 3.48 -34.41
N THR D 67 -14.09 4.69 -34.97
CA THR D 67 -12.93 5.55 -34.82
C THR D 67 -13.29 6.84 -34.11
N ILE D 68 -12.28 7.39 -33.43
CA ILE D 68 -12.33 8.72 -32.82
C ILE D 68 -10.91 9.27 -32.92
N PRO D 69 -10.75 10.59 -32.94
CA PRO D 69 -9.42 11.19 -33.11
C PRO D 69 -8.45 10.85 -31.98
N ARG D 70 -7.19 10.72 -32.35
CA ARG D 70 -6.12 10.42 -31.40
C ARG D 70 -5.40 11.73 -31.09
N SER D 71 -5.35 12.09 -29.82
CA SER D 71 -4.56 13.24 -29.44
C SER D 71 -3.08 12.91 -29.65
N LEU D 72 -2.23 13.91 -29.47
CA LEU D 72 -0.82 13.64 -29.71
C LEU D 72 -0.28 12.60 -28.74
N ASP D 73 -0.57 12.75 -27.43
CA ASP D 73 -0.16 11.72 -26.47
C ASP D 73 -1.06 10.49 -26.49
N GLY D 74 -2.30 10.61 -26.99
CA GLY D 74 -3.22 9.49 -27.05
C GLY D 74 -4.19 9.35 -25.90
N ARG D 75 -4.16 10.27 -24.93
CA ARG D 75 -5.07 10.28 -23.79
C ARG D 75 -6.40 10.98 -24.07
N LEU D 76 -7.49 10.40 -23.58
CA LEU D 76 -8.83 10.96 -23.58
C LEU D 76 -9.18 11.58 -22.22
N GLN D 77 -9.82 12.73 -22.22
CA GLN D 77 -10.26 13.29 -20.97
C GLN D 77 -11.76 13.29 -20.86
N VAL D 78 -12.25 12.63 -19.84
CA VAL D 78 -13.66 12.60 -19.50
C VAL D 78 -13.82 12.98 -18.04
N SER D 79 -14.53 14.09 -17.78
CA SER D 79 -14.86 14.56 -16.44
C SER D 79 -13.62 14.70 -15.56
N HIS D 80 -12.58 15.30 -16.11
CA HIS D 80 -11.31 15.69 -15.48
C HIS D 80 -10.30 14.57 -15.29
N ARG D 81 -10.63 13.33 -15.61
CA ARG D 81 -9.66 12.25 -15.45
C ARG D 81 -9.40 11.69 -16.83
N LYS D 82 -8.11 11.65 -17.20
CA LYS D 82 -7.66 11.13 -18.48
C LYS D 82 -7.59 9.61 -18.51
N GLY D 83 -7.63 9.05 -19.71
CA GLY D 83 -7.56 7.60 -19.87
C GLY D 83 -7.22 7.22 -21.29
N LEU D 84 -7.05 5.92 -21.49
CA LEU D 84 -6.79 5.52 -22.87
C LEU D 84 -8.07 5.02 -23.48
N PRO D 85 -8.48 5.59 -24.61
CA PRO D 85 -9.84 5.34 -25.08
C PRO D 85 -10.15 3.88 -25.20
N HIS D 86 -9.21 3.08 -25.72
CA HIS D 86 -9.52 1.66 -25.88
C HIS D 86 -9.65 0.94 -24.53
N VAL D 87 -8.79 1.27 -23.54
CA VAL D 87 -8.94 0.57 -22.27
C VAL D 87 -10.25 0.95 -21.63
N ILE D 88 -10.69 2.18 -21.84
CA ILE D 88 -11.90 2.66 -21.18
C ILE D 88 -13.11 1.85 -21.63
N TYR D 89 -13.35 1.82 -22.93
CA TYR D 89 -14.56 1.17 -23.37
C TYR D 89 -14.44 -0.34 -23.25
N CYS D 90 -13.23 -0.88 -23.36
CA CYS D 90 -13.08 -2.28 -22.98
C CYS D 90 -13.43 -2.48 -21.52
N ARG D 91 -13.02 -1.54 -20.66
CA ARG D 91 -13.31 -1.61 -19.23
C ARG D 91 -14.80 -1.55 -18.97
N VAL D 92 -15.49 -0.71 -19.75
CA VAL D 92 -16.92 -0.55 -19.61
C VAL D 92 -17.67 -1.80 -20.04
N TRP D 93 -17.41 -2.28 -21.27
CA TRP D 93 -18.24 -3.30 -21.90
C TRP D 93 -17.76 -4.73 -21.76
N ARG D 94 -16.48 -4.97 -21.54
CA ARG D 94 -16.00 -6.34 -21.41
C ARG D 94 -15.40 -6.63 -20.04
N TRP D 95 -14.26 -6.05 -19.69
CA TRP D 95 -13.61 -6.36 -18.41
C TRP D 95 -13.56 -5.13 -17.51
N PRO D 96 -14.36 -5.09 -16.44
CA PRO D 96 -14.21 -3.97 -15.49
C PRO D 96 -12.89 -4.01 -14.76
N ASP D 97 -12.27 -5.18 -14.63
CA ASP D 97 -11.05 -5.34 -13.86
C ASP D 97 -9.82 -4.87 -14.61
N LEU D 98 -9.99 -4.49 -15.88
CA LEU D 98 -8.84 -4.12 -16.71
C LEU D 98 -8.13 -2.94 -16.11
N GLN D 99 -6.80 -2.95 -16.12
CA GLN D 99 -6.14 -1.79 -15.53
C GLN D 99 -4.97 -1.20 -16.27
N SER D 100 -4.42 -1.86 -17.27
CA SER D 100 -3.37 -1.25 -18.05
C SER D 100 -3.66 -1.47 -19.53
N HIS D 101 -3.02 -0.68 -20.37
CA HIS D 101 -3.10 -1.04 -21.78
C HIS D 101 -2.14 -2.20 -22.07
N HIS D 102 -1.19 -2.42 -21.17
CA HIS D 102 -0.30 -3.58 -21.25
C HIS D 102 -1.08 -4.88 -21.14
N GLU D 103 -2.25 -4.85 -20.52
CA GLU D 103 -3.04 -6.05 -20.45
C GLU D 103 -3.81 -6.30 -21.74
N LEU D 104 -3.84 -5.32 -22.64
CA LEU D 104 -4.57 -5.46 -23.89
C LEU D 104 -3.61 -5.59 -25.08
N LYS D 105 -3.88 -6.58 -25.94
CA LYS D 105 -3.14 -6.73 -27.18
C LYS D 105 -4.14 -6.60 -28.32
N PRO D 106 -3.87 -5.75 -29.30
CA PRO D 106 -4.82 -5.57 -30.40
C PRO D 106 -4.85 -6.82 -31.25
N LEU D 107 -5.87 -6.91 -32.09
CA LEU D 107 -5.99 -8.04 -32.97
C LEU D 107 -5.41 -7.70 -34.35
N ASP D 108 -4.92 -8.72 -35.06
CA ASP D 108 -4.42 -8.51 -36.41
C ASP D 108 -5.49 -7.87 -37.30
N ILE D 109 -6.78 -8.09 -36.98
CA ILE D 109 -7.88 -7.54 -37.78
C ILE D 109 -7.91 -6.02 -37.71
N CYS D 110 -7.57 -5.44 -36.56
CA CYS D 110 -7.78 -4.01 -36.36
C CYS D 110 -6.93 -3.18 -37.31
N GLU D 111 -7.59 -2.42 -38.19
CA GLU D 111 -6.89 -1.49 -39.07
C GLU D 111 -6.21 -0.38 -38.28
N PHE D 112 -6.83 0.06 -37.18
CA PHE D 112 -6.29 1.15 -36.37
C PHE D 112 -6.22 0.69 -34.93
N PRO D 113 -5.12 0.09 -34.51
CA PRO D 113 -4.93 -0.28 -33.11
C PRO D 113 -4.30 0.87 -32.34
N PHE D 114 -4.23 0.70 -31.02
CA PHE D 114 -3.62 1.76 -30.22
C PHE D 114 -2.12 1.92 -30.55
N GLY D 115 -1.41 0.81 -30.74
CA GLY D 115 0.02 0.91 -30.99
C GLY D 115 0.41 1.67 -32.27
N SER D 116 -0.50 1.72 -33.26
CA SER D 116 -0.16 2.22 -34.60
C SER D 116 0.39 3.65 -34.62
N LYS D 117 -0.07 4.53 -33.74
CA LYS D 117 0.28 5.95 -33.74
C LYS D 117 -0.24 6.69 -34.98
N GLN D 118 -1.33 6.20 -35.57
CA GLN D 118 -2.05 6.80 -36.70
C GLN D 118 -2.97 7.93 -36.24
N LYS D 119 -3.59 8.60 -37.23
CA LYS D 119 -4.45 9.75 -36.94
C LYS D 119 -5.72 9.39 -36.14
N GLU D 120 -6.35 8.24 -36.41
CA GLU D 120 -7.57 7.83 -35.73
C GLU D 120 -7.32 6.53 -34.95
N VAL D 121 -8.22 6.26 -33.98
CA VAL D 121 -8.09 5.10 -33.09
C VAL D 121 -9.39 4.30 -33.05
N CYS D 122 -9.27 2.98 -33.01
CA CYS D 122 -10.44 2.13 -33.00
C CYS D 122 -10.83 1.78 -31.58
N ILE D 123 -12.09 2.03 -31.25
CA ILE D 123 -12.67 1.93 -29.91
C ILE D 123 -13.51 0.67 -29.78
N ASN D 124 -13.30 -0.29 -30.68
CA ASN D 124 -14.12 -1.47 -30.60
C ASN D 124 -13.60 -2.30 -29.45
N PRO D 125 -14.40 -2.58 -28.43
CA PRO D 125 -13.93 -3.49 -27.37
C PRO D 125 -13.59 -4.88 -27.89
N TYR D 126 -14.19 -5.32 -29.00
CA TYR D 126 -13.96 -6.68 -29.51
C TYR D 126 -12.84 -6.80 -30.54
N HIS D 127 -12.16 -5.71 -30.90
CA HIS D 127 -10.96 -5.83 -31.70
C HIS D 127 -9.73 -6.03 -30.82
N TYR D 128 -9.89 -6.13 -29.49
CA TYR D 128 -8.74 -6.30 -28.62
C TYR D 128 -8.90 -7.59 -27.85
N LYS D 129 -7.77 -8.09 -27.35
CA LYS D 129 -7.66 -9.37 -26.69
C LYS D 129 -7.01 -9.15 -25.34
N ARG D 130 -7.42 -9.91 -24.33
CA ARG D 130 -6.89 -9.71 -23.00
C ARG D 130 -5.79 -10.71 -22.70
N VAL D 131 -4.67 -10.21 -22.16
CA VAL D 131 -3.50 -11.01 -21.84
C VAL D 131 -2.95 -10.60 -20.48
N GLU D 132 -2.32 -11.56 -19.80
CA GLU D 132 -1.58 -11.24 -18.59
C GLU D 132 -0.25 -10.54 -18.94
N SER D 133 0.10 -9.51 -18.17
CA SER D 133 1.38 -8.78 -18.30
C SER D 133 1.39 -7.65 -17.26
N PRO E 13 38.16 2.11 5.99
CA PRO E 13 39.22 3.07 5.61
C PRO E 13 39.17 4.38 6.43
N ALA E 14 39.58 5.50 5.84
CA ALA E 14 39.49 6.79 6.53
C ALA E 14 38.04 7.15 6.86
N VAL E 15 37.09 6.66 6.05
CA VAL E 15 35.66 6.87 6.25
C VAL E 15 35.19 6.34 7.60
N LYS E 16 35.87 5.35 8.17
CA LYS E 16 35.43 4.77 9.44
C LYS E 16 35.32 5.83 10.53
N ARG E 17 36.18 6.85 10.50
CA ARG E 17 36.09 7.92 11.49
C ARG E 17 34.77 8.71 11.34
N LEU E 18 34.45 9.14 10.12
CA LEU E 18 33.22 9.91 9.92
C LEU E 18 31.97 9.04 10.04
N LEU E 19 32.01 7.82 9.50
CA LEU E 19 30.82 6.98 9.51
C LEU E 19 30.35 6.65 10.91
N GLY E 20 31.19 6.85 11.93
CA GLY E 20 30.73 6.76 13.30
C GLY E 20 29.65 7.79 13.60
N TRP E 21 29.70 8.92 12.89
CA TRP E 21 28.70 9.98 13.06
C TRP E 21 27.44 9.75 12.26
N LYS E 22 27.35 8.66 11.49
CA LYS E 22 26.09 8.33 10.85
C LYS E 22 25.04 8.04 11.92
N GLN E 23 23.84 8.55 11.70
CA GLN E 23 22.79 8.24 12.65
C GLN E 23 22.14 6.95 12.22
N GLY E 24 21.49 6.28 13.17
CA GLY E 24 20.91 4.97 12.94
C GLY E 24 19.40 5.10 12.95
N ASP E 25 18.76 4.32 12.08
CA ASP E 25 17.31 4.31 11.92
C ASP E 25 16.64 3.65 13.11
N GLU E 26 15.31 3.79 13.18
CA GLU E 26 14.56 3.30 14.33
C GLU E 26 14.75 1.81 14.59
N GLU E 27 14.87 1.02 13.54
CA GLU E 27 15.04 -0.41 13.71
C GLU E 27 16.38 -0.74 14.37
N GLU E 28 17.48 -0.22 13.84
CA GLU E 28 18.78 -0.52 14.44
C GLU E 28 18.82 -0.08 15.90
N LYS E 29 18.28 1.10 16.20
CA LYS E 29 18.21 1.52 17.59
C LYS E 29 17.47 0.48 18.42
N TRP E 30 16.39 -0.08 17.86
CA TRP E 30 15.67 -1.13 18.55
C TRP E 30 16.49 -2.40 18.63
N ALA E 31 17.21 -2.74 17.55
CA ALA E 31 18.00 -3.98 17.55
C ALA E 31 18.97 -3.98 18.71
N GLU E 32 19.68 -2.87 18.92
CA GLU E 32 20.57 -2.74 20.07
C GLU E 32 19.76 -2.91 21.35
N LYS E 33 18.59 -2.28 21.40
CA LYS E 33 17.77 -2.42 22.58
C LYS E 33 17.34 -3.88 22.77
N ALA E 34 17.06 -4.58 21.67
CA ALA E 34 16.70 -5.99 21.77
C ALA E 34 17.87 -6.85 22.22
N VAL E 35 19.06 -6.63 21.66
CA VAL E 35 20.25 -7.38 22.08
C VAL E 35 20.57 -7.13 23.54
N ASP E 36 20.39 -5.89 24.00
CA ASP E 36 20.69 -5.63 25.39
C ASP E 36 19.77 -6.44 26.30
N ALA E 37 18.48 -6.48 25.99
CA ALA E 37 17.57 -7.24 26.84
C ALA E 37 17.97 -8.70 26.88
N LEU E 38 18.49 -9.22 25.77
CA LEU E 38 18.86 -10.63 25.71
C LEU E 38 19.98 -10.93 26.69
N VAL E 39 21.08 -10.21 26.57
CA VAL E 39 22.21 -10.52 27.42
C VAL E 39 21.90 -10.35 28.87
N LYS E 40 21.20 -9.27 29.21
CA LYS E 40 20.86 -8.99 30.60
C LYS E 40 20.02 -10.14 31.10
N LYS E 41 19.13 -10.57 30.22
CA LYS E 41 18.28 -11.72 30.41
C LYS E 41 19.06 -13.03 30.38
N LEU E 42 20.04 -13.07 29.50
CA LEU E 42 20.84 -14.26 29.25
C LEU E 42 22.06 -14.38 30.10
N LYS E 43 22.27 -13.45 31.02
CA LYS E 43 23.47 -13.42 31.85
C LYS E 43 23.24 -14.28 33.09
N LYS E 44 21.99 -14.35 33.58
CA LYS E 44 21.70 -15.20 34.74
C LYS E 44 22.06 -16.66 34.47
N LYS E 45 21.82 -17.13 33.25
CA LYS E 45 22.27 -18.45 32.87
C LYS E 45 23.77 -18.41 32.59
N LYS E 46 24.49 -19.39 33.13
CA LYS E 46 25.95 -19.38 33.10
C LYS E 46 26.47 -20.14 31.88
N GLY E 47 27.43 -19.52 31.17
CA GLY E 47 28.03 -20.11 30.00
C GLY E 47 27.28 -19.88 28.70
N ALA E 48 26.02 -19.46 28.78
CA ALA E 48 25.24 -19.23 27.57
C ALA E 48 25.88 -18.13 26.73
N MET E 49 26.37 -17.09 27.41
CA MET E 49 26.97 -15.97 26.72
C MET E 49 28.15 -16.41 25.87
N GLU E 50 29.01 -17.24 26.44
CA GLU E 50 30.16 -17.68 25.68
C GLU E 50 29.72 -18.51 24.48
N GLU E 51 28.75 -19.41 24.69
CA GLU E 51 28.30 -20.29 23.63
C GLU E 51 27.71 -19.49 22.47
N LEU E 52 26.96 -18.44 22.79
CA LEU E 52 26.37 -17.59 21.76
C LEU E 52 27.44 -16.83 20.96
N GLU E 53 28.42 -16.27 21.66
CA GLU E 53 29.53 -15.63 20.94
C GLU E 53 30.24 -16.65 20.07
N LYS E 54 30.46 -17.85 20.61
CA LYS E 54 31.03 -18.93 19.84
C LYS E 54 30.09 -19.30 18.71
N ALA E 55 28.79 -19.33 18.99
CA ALA E 55 27.83 -19.67 17.94
C ALA E 55 27.92 -18.67 16.81
N LEU E 56 27.91 -17.38 17.13
CA LEU E 56 28.01 -16.33 16.13
C LEU E 56 29.40 -16.26 15.52
N SER E 57 30.42 -16.44 16.35
CA SER E 57 31.80 -16.31 15.86
C SER E 57 32.12 -17.34 14.79
N SER E 58 31.66 -18.58 14.97
CA SER E 58 31.97 -19.67 14.06
C SER E 58 30.69 -20.12 13.36
N PRO E 59 30.61 -19.99 12.05
CA PRO E 59 29.40 -20.40 11.34
C PRO E 59 29.41 -21.88 10.99
N GLY E 60 30.59 -22.43 10.75
CA GLY E 60 30.70 -23.83 10.35
C GLY E 60 30.60 -24.85 11.47
N GLN E 61 31.30 -24.58 12.60
CA GLN E 61 31.28 -25.46 13.78
C GLN E 61 29.98 -25.28 14.55
N PRO E 62 29.26 -26.37 14.85
CA PRO E 62 27.99 -26.22 15.56
C PRO E 62 28.18 -25.87 17.04
N SER E 63 27.16 -25.25 17.62
CA SER E 63 27.20 -24.89 19.04
C SER E 63 25.87 -25.24 19.70
N LYS E 64 25.92 -25.47 21.02
CA LYS E 64 24.76 -25.94 21.77
C LYS E 64 23.68 -24.87 21.82
N CYS E 65 22.46 -25.30 22.13
CA CYS E 65 21.32 -24.40 22.22
C CYS E 65 21.63 -23.24 23.17
N VAL E 66 21.16 -22.05 22.79
CA VAL E 66 21.16 -20.90 23.69
C VAL E 66 19.72 -20.62 24.03
N THR E 67 19.39 -20.58 25.32
CA THR E 67 18.01 -20.68 25.75
C THR E 67 17.60 -19.47 26.57
N ILE E 68 16.30 -19.18 26.52
CA ILE E 68 15.65 -18.14 27.32
C ILE E 68 14.25 -18.66 27.65
N PRO E 69 13.64 -18.24 28.75
CA PRO E 69 12.31 -18.76 29.10
C PRO E 69 11.25 -18.41 28.07
N ARG E 70 10.33 -19.34 27.82
CA ARG E 70 9.29 -19.21 26.81
C ARG E 70 7.95 -18.82 27.44
N SER E 71 7.35 -17.74 26.93
CA SER E 71 6.09 -17.23 27.46
C SER E 71 4.90 -18.07 26.98
N LEU E 72 3.71 -17.78 27.53
CA LEU E 72 2.51 -18.50 27.09
C LEU E 72 2.20 -18.22 25.62
N ASP E 73 2.25 -16.95 25.20
CA ASP E 73 2.01 -16.65 23.78
C ASP E 73 3.23 -16.95 22.93
N GLY E 74 4.42 -16.96 23.53
CA GLY E 74 5.66 -17.12 22.83
C GLY E 74 6.25 -15.80 22.37
N ARG E 75 5.53 -14.69 22.56
CA ARG E 75 5.99 -13.36 22.17
C ARG E 75 6.79 -12.72 23.29
N LEU E 76 7.88 -12.05 22.91
CA LEU E 76 8.76 -11.31 23.81
C LEU E 76 8.56 -9.82 23.60
N GLN E 77 8.27 -9.07 24.66
CA GLN E 77 8.13 -7.62 24.53
C GLN E 77 9.41 -6.84 24.85
N VAL E 78 9.89 -6.05 23.89
CA VAL E 78 11.10 -5.23 24.05
C VAL E 78 10.75 -3.82 23.61
N SER E 79 10.96 -2.85 24.52
CA SER E 79 10.86 -1.42 24.19
C SER E 79 9.56 -1.11 23.45
N HIS E 80 8.46 -1.72 23.94
CA HIS E 80 7.06 -1.54 23.52
C HIS E 80 6.71 -2.33 22.27
N ARG E 81 7.62 -3.12 21.72
CA ARG E 81 7.37 -3.84 20.49
C ARG E 81 7.39 -5.34 20.79
N LYS E 82 6.30 -6.03 20.47
CA LYS E 82 6.22 -7.46 20.71
C LYS E 82 6.76 -8.21 19.49
N GLY E 83 7.37 -9.38 19.72
CA GLY E 83 7.93 -10.14 18.62
C GLY E 83 8.14 -11.57 19.05
N LEU E 84 8.60 -12.39 18.11
CA LEU E 84 8.90 -13.75 18.52
C LEU E 84 10.41 -13.90 18.65
N PRO E 85 10.95 -14.39 19.75
CA PRO E 85 12.40 -14.26 19.98
C PRO E 85 13.30 -14.85 18.90
N HIS E 86 13.10 -16.09 18.49
CA HIS E 86 14.01 -16.66 17.50
C HIS E 86 13.96 -15.86 16.20
N VAL E 87 12.82 -15.21 15.91
CA VAL E 87 12.72 -14.37 14.72
C VAL E 87 13.55 -13.11 14.87
N ILE E 88 13.47 -12.50 16.06
CA ILE E 88 14.19 -11.26 16.32
C ILE E 88 15.67 -11.48 16.14
N TYR E 89 16.22 -12.48 16.83
CA TYR E 89 17.66 -12.66 16.84
C TYR E 89 18.17 -13.22 15.54
N CYS E 90 17.38 -14.01 14.82
CA CYS E 90 17.83 -14.34 13.48
C CYS E 90 17.84 -13.11 12.62
N ARG E 91 16.85 -12.25 12.79
CA ARG E 91 16.84 -11.01 12.05
C ARG E 91 18.03 -10.12 12.42
N VAL E 92 18.40 -10.09 13.69
CA VAL E 92 19.54 -9.28 14.10
C VAL E 92 20.83 -9.83 13.52
N TRP E 93 21.09 -11.13 13.73
CA TRP E 93 22.39 -11.74 13.41
C TRP E 93 22.50 -12.43 12.07
N ARG E 94 21.41 -12.83 11.43
CA ARG E 94 21.52 -13.57 10.16
C ARG E 94 20.83 -12.84 9.03
N TRP E 95 19.50 -12.86 8.96
CA TRP E 95 18.79 -12.27 7.82
C TRP E 95 17.99 -11.07 8.29
N PRO E 96 18.41 -9.83 8.01
CA PRO E 96 17.61 -8.69 8.48
C PRO E 96 16.26 -8.59 7.81
N ASP E 97 16.11 -9.07 6.60
CA ASP E 97 14.80 -8.95 5.97
C ASP E 97 13.85 -10.06 6.37
N LEU E 98 14.22 -10.95 7.29
CA LEU E 98 13.38 -12.08 7.64
C LEU E 98 12.01 -11.59 8.03
N GLN E 99 10.98 -12.11 7.36
CA GLN E 99 9.71 -11.44 7.65
C GLN E 99 8.87 -12.04 8.76
N SER E 100 8.86 -13.36 8.88
CA SER E 100 7.93 -13.98 9.81
C SER E 100 8.48 -15.32 10.23
N HIS E 101 7.85 -15.93 11.23
CA HIS E 101 8.35 -17.23 11.66
C HIS E 101 8.15 -18.31 10.62
N HIS E 102 7.18 -18.11 9.72
CA HIS E 102 6.95 -19.03 8.61
C HIS E 102 8.23 -19.23 7.83
N GLU E 103 9.02 -18.19 7.70
CA GLU E 103 10.23 -18.27 6.91
C GLU E 103 11.32 -19.07 7.60
N LEU E 104 11.12 -19.47 8.84
CA LEU E 104 12.14 -20.17 9.61
C LEU E 104 11.78 -21.63 9.91
N LYS E 105 12.72 -22.55 9.67
CA LYS E 105 12.54 -23.93 10.06
C LYS E 105 13.68 -24.34 11.00
N PRO E 106 13.39 -25.08 12.08
CA PRO E 106 14.45 -25.49 13.00
C PRO E 106 15.35 -26.54 12.38
N LEU E 107 16.50 -26.75 13.00
CA LEU E 107 17.40 -27.79 12.51
C LEU E 107 17.19 -29.07 13.34
N ASP E 108 17.49 -30.22 12.72
CA ASP E 108 17.38 -31.47 13.45
C ASP E 108 18.16 -31.40 14.76
N ILE E 109 19.22 -30.59 14.80
CA ILE E 109 20.09 -30.48 15.98
C ILE E 109 19.41 -29.75 17.13
N CYS E 110 18.58 -28.75 16.84
CA CYS E 110 18.13 -27.87 17.93
C CYS E 110 17.26 -28.63 18.92
N GLU E 111 17.66 -28.59 20.20
CA GLU E 111 16.96 -29.32 21.27
C GLU E 111 15.67 -28.61 21.66
N PHE E 112 15.64 -27.28 21.61
CA PHE E 112 14.47 -26.53 22.03
C PHE E 112 14.05 -25.51 20.96
N PRO E 113 13.60 -25.98 19.80
CA PRO E 113 13.10 -25.08 18.77
C PRO E 113 11.79 -24.42 19.15
N PHE E 114 11.36 -23.48 18.29
CA PHE E 114 10.15 -22.74 18.57
C PHE E 114 8.93 -23.66 18.59
N GLY E 115 8.87 -24.61 17.67
CA GLY E 115 7.74 -25.52 17.64
C GLY E 115 7.60 -26.38 18.89
N SER E 116 8.71 -26.64 19.59
CA SER E 116 8.70 -27.59 20.69
C SER E 116 7.71 -27.23 21.79
N LYS E 117 7.34 -25.95 21.91
CA LYS E 117 6.44 -25.50 22.99
C LYS E 117 6.95 -25.91 24.38
N GLN E 118 8.27 -26.03 24.54
CA GLN E 118 8.94 -26.36 25.81
C GLN E 118 8.96 -25.17 26.75
N LYS E 119 9.40 -25.43 27.99
CA LYS E 119 9.47 -24.39 29.01
C LYS E 119 10.39 -23.25 28.60
N GLU E 120 11.49 -23.56 27.93
CA GLU E 120 12.41 -22.55 27.44
C GLU E 120 12.56 -22.73 25.93
N VAL E 121 13.08 -21.70 25.26
CA VAL E 121 13.25 -21.77 23.81
C VAL E 121 14.68 -21.39 23.45
N CYS E 122 15.17 -22.03 22.39
CA CYS E 122 16.50 -21.80 21.90
C CYS E 122 16.44 -20.66 20.88
N ILE E 123 17.25 -19.64 21.11
CA ILE E 123 17.28 -18.48 20.24
C ILE E 123 18.59 -18.42 19.44
N ASN E 124 19.30 -19.55 19.34
CA ASN E 124 20.55 -19.54 18.60
C ASN E 124 20.19 -19.42 17.13
N PRO E 125 20.64 -18.37 16.45
CA PRO E 125 20.34 -18.25 15.02
C PRO E 125 20.81 -19.43 14.18
N TYR E 126 21.96 -19.99 14.53
CA TYR E 126 22.44 -21.02 13.64
C TYR E 126 21.74 -22.37 13.84
N HIS E 127 20.78 -22.46 14.76
CA HIS E 127 19.92 -23.63 14.83
C HIS E 127 18.74 -23.52 13.87
N TYR E 128 18.69 -22.50 13.03
CA TYR E 128 17.59 -22.39 12.11
C TYR E 128 18.10 -22.17 10.69
N LYS E 129 17.22 -22.47 9.76
CA LYS E 129 17.50 -22.32 8.34
C LYS E 129 16.35 -21.56 7.76
N ARG E 130 16.63 -20.77 6.72
CA ARG E 130 15.60 -19.93 6.12
C ARG E 130 14.94 -20.70 5.01
N VAL E 131 13.63 -20.50 4.82
CA VAL E 131 12.89 -21.25 3.82
C VAL E 131 11.95 -20.35 3.03
N GLU E 132 11.72 -20.72 1.78
CA GLU E 132 10.72 -20.03 0.97
C GLU E 132 9.33 -20.27 1.56
N SER E 133 8.45 -19.28 1.43
CA SER E 133 7.02 -19.37 1.85
C SER E 133 6.83 -19.16 3.35
N PRO H 13 -31.29 8.46 -23.04
CA PRO H 13 -31.35 8.69 -24.50
C PRO H 13 -30.86 7.49 -25.34
N ALA H 14 -29.97 7.74 -26.31
CA ALA H 14 -29.32 6.63 -27.02
C ALA H 14 -28.33 5.92 -26.11
N VAL H 15 -27.72 6.67 -25.19
CA VAL H 15 -26.78 6.13 -24.22
C VAL H 15 -27.45 5.04 -23.38
N LYS H 16 -28.76 5.15 -23.14
CA LYS H 16 -29.46 4.15 -22.35
C LYS H 16 -29.35 2.76 -22.98
N ARG H 17 -29.38 2.67 -24.31
CA ARG H 17 -29.24 1.37 -24.96
C ARG H 17 -27.86 0.74 -24.69
N LEU H 18 -26.82 1.57 -24.78
CA LEU H 18 -25.43 1.13 -24.61
C LEU H 18 -25.14 0.68 -23.19
N LEU H 19 -25.63 1.43 -22.20
CA LEU H 19 -25.31 1.12 -20.81
C LEU H 19 -25.94 -0.19 -20.38
N GLY H 20 -26.92 -0.68 -21.15
CA GLY H 20 -27.37 -2.03 -20.96
C GLY H 20 -26.25 -3.03 -21.18
N TRP H 21 -25.31 -2.70 -22.06
CA TRP H 21 -24.20 -3.61 -22.31
C TRP H 21 -23.06 -3.42 -21.33
N LYS H 22 -23.06 -2.35 -20.55
CA LYS H 22 -21.97 -2.19 -19.61
C LYS H 22 -21.96 -3.37 -18.65
N GLN H 23 -20.79 -3.95 -18.44
CA GLN H 23 -20.69 -5.02 -17.48
C GLN H 23 -20.52 -4.40 -16.10
N GLY H 24 -20.84 -5.16 -15.08
CA GLY H 24 -20.84 -4.65 -13.72
C GLY H 24 -19.62 -5.15 -12.95
N ASP H 25 -19.11 -4.31 -12.06
CA ASP H 25 -17.94 -4.68 -11.30
C ASP H 25 -18.31 -5.77 -10.27
N GLU H 26 -17.29 -6.29 -9.60
CA GLU H 26 -17.51 -7.39 -8.68
C GLU H 26 -18.38 -6.96 -7.51
N GLU H 27 -18.18 -5.73 -7.05
CA GLU H 27 -18.93 -5.21 -5.91
C GLU H 27 -20.42 -5.11 -6.22
N GLU H 28 -20.76 -4.46 -7.33
CA GLU H 28 -22.16 -4.32 -7.69
C GLU H 28 -22.82 -5.67 -7.86
N LYS H 29 -22.09 -6.61 -8.45
CA LYS H 29 -22.62 -7.94 -8.52
C LYS H 29 -22.90 -8.41 -7.11
N TRP H 30 -21.95 -8.21 -6.21
CA TRP H 30 -22.18 -8.65 -4.84
C TRP H 30 -23.33 -7.89 -4.21
N ALA H 31 -23.38 -6.56 -4.42
CA ALA H 31 -24.42 -5.74 -3.82
C ALA H 31 -25.77 -6.30 -4.19
N GLU H 32 -25.95 -6.67 -5.47
CA GLU H 32 -27.20 -7.30 -5.91
C GLU H 32 -27.44 -8.59 -5.14
N LYS H 33 -26.40 -9.37 -4.93
CA LYS H 33 -26.57 -10.60 -4.17
C LYS H 33 -26.96 -10.29 -2.73
N ALA H 34 -26.36 -9.23 -2.16
CA ALA H 34 -26.66 -8.89 -0.78
C ALA H 34 -28.11 -8.46 -0.61
N VAL H 35 -28.64 -7.66 -1.54
CA VAL H 35 -30.04 -7.24 -1.52
C VAL H 35 -30.97 -8.42 -1.65
N ASP H 36 -30.62 -9.41 -2.48
CA ASP H 36 -31.52 -10.55 -2.56
C ASP H 36 -31.61 -11.26 -1.21
N ALA H 37 -30.49 -11.39 -0.52
CA ALA H 37 -30.54 -12.03 0.79
C ALA H 37 -31.46 -11.27 1.70
N LEU H 38 -31.47 -9.95 1.57
CA LEU H 38 -32.29 -9.11 2.43
C LEU H 38 -33.77 -9.37 2.19
N VAL H 39 -34.20 -9.37 0.92
CA VAL H 39 -35.63 -9.58 0.65
C VAL H 39 -36.08 -10.95 1.14
N LYS H 40 -35.21 -11.96 1.04
CA LYS H 40 -35.54 -13.29 1.57
C LYS H 40 -35.77 -13.22 3.07
N LYS H 41 -34.92 -12.48 3.80
CA LYS H 41 -35.15 -12.31 5.23
C LYS H 41 -36.37 -11.43 5.51
N LEU H 42 -36.56 -10.37 4.72
CA LEU H 42 -37.63 -9.43 4.98
C LEU H 42 -39.02 -9.94 4.60
N LYS H 43 -39.11 -10.92 3.70
CA LYS H 43 -40.44 -11.41 3.29
C LYS H 43 -41.14 -12.12 4.44
N LYS H 44 -40.39 -12.84 5.28
CA LYS H 44 -40.99 -13.50 6.44
C LYS H 44 -41.60 -12.48 7.39
N LYS H 45 -40.95 -11.32 7.54
CA LYS H 45 -41.50 -10.22 8.31
C LYS H 45 -42.60 -9.54 7.50
N LYS H 46 -43.73 -9.28 8.16
CA LYS H 46 -44.90 -8.78 7.46
C LYS H 46 -44.88 -7.26 7.43
N GLY H 47 -45.08 -6.69 6.23
CA GLY H 47 -45.09 -5.26 6.05
C GLY H 47 -43.74 -4.58 5.97
N ALA H 48 -42.66 -5.27 6.38
CA ALA H 48 -41.34 -4.65 6.41
C ALA H 48 -40.91 -4.14 5.04
N MET H 49 -41.27 -4.88 4.00
CA MET H 49 -40.83 -4.51 2.66
C MET H 49 -41.30 -3.11 2.27
N GLU H 50 -42.57 -2.81 2.55
CA GLU H 50 -43.13 -1.52 2.16
C GLU H 50 -42.48 -0.36 2.93
N GLU H 51 -42.22 -0.55 4.23
CA GLU H 51 -41.60 0.51 5.02
C GLU H 51 -40.22 0.85 4.50
N LEU H 52 -39.45 -0.16 4.10
CA LEU H 52 -38.13 0.09 3.52
C LEU H 52 -38.25 0.85 2.20
N GLU H 53 -39.15 0.39 1.31
CA GLU H 53 -39.34 1.06 0.02
C GLU H 53 -39.77 2.50 0.23
N LYS H 54 -40.67 2.71 1.21
CA LYS H 54 -41.09 4.06 1.60
C LYS H 54 -39.92 4.82 2.19
N ALA H 55 -39.11 4.14 3.01
CA ALA H 55 -37.94 4.78 3.60
C ALA H 55 -36.96 5.21 2.52
N LEU H 56 -36.72 4.30 1.56
CA LEU H 56 -35.83 4.58 0.43
C LEU H 56 -36.47 5.58 -0.52
N SER H 57 -37.79 5.51 -0.67
CA SER H 57 -38.49 6.40 -1.58
C SER H 57 -38.32 7.87 -1.18
N SER H 58 -38.49 8.17 0.11
CA SER H 58 -38.46 9.51 0.62
C SER H 58 -37.41 9.72 1.71
N PRO H 59 -36.49 10.68 1.53
CA PRO H 59 -35.50 10.94 2.58
C PRO H 59 -36.08 11.64 3.81
N GLY H 60 -36.94 12.65 3.59
CA GLY H 60 -37.41 13.49 4.69
C GLY H 60 -38.33 12.79 5.68
N GLN H 61 -39.27 11.99 5.18
CA GLN H 61 -40.33 11.44 6.03
C GLN H 61 -39.82 10.27 6.87
N PRO H 62 -39.92 10.34 8.20
CA PRO H 62 -39.42 9.27 9.06
C PRO H 62 -40.03 7.93 8.68
N SER H 63 -39.33 6.85 9.03
CA SER H 63 -39.82 5.51 8.73
C SER H 63 -39.58 4.60 9.91
N LYS H 64 -40.44 3.60 10.09
CA LYS H 64 -40.30 2.71 11.23
C LYS H 64 -39.10 1.81 10.99
N CYS H 65 -38.49 1.31 12.07
CA CYS H 65 -37.36 0.41 11.95
C CYS H 65 -37.69 -0.75 11.01
N VAL H 66 -36.72 -1.12 10.17
CA VAL H 66 -36.77 -2.34 9.39
C VAL H 66 -35.70 -3.25 9.96
N THR H 67 -36.10 -4.42 10.44
CA THR H 67 -35.23 -5.23 11.27
C THR H 67 -35.04 -6.61 10.67
N ILE H 68 -33.95 -7.25 11.10
CA ILE H 68 -33.61 -8.62 10.73
C ILE H 68 -32.99 -9.24 11.97
N PRO H 69 -32.95 -10.56 12.08
CA PRO H 69 -32.34 -11.17 13.26
C PRO H 69 -30.86 -10.80 13.36
N ARG H 70 -30.39 -10.61 14.59
CA ARG H 70 -29.01 -10.19 14.85
C ARG H 70 -28.17 -11.38 15.29
N SER H 71 -27.04 -11.58 14.62
CA SER H 71 -26.17 -12.71 14.94
C SER H 71 -25.43 -12.44 16.26
N LEU H 72 -24.73 -13.46 16.76
CA LEU H 72 -23.94 -13.27 17.97
C LEU H 72 -22.81 -12.25 17.74
N ASP H 73 -22.05 -12.43 16.66
CA ASP H 73 -21.03 -11.43 16.30
C ASP H 73 -21.65 -10.24 15.60
N GLY H 74 -22.82 -10.42 14.99
CA GLY H 74 -23.45 -9.37 14.24
C GLY H 74 -23.07 -9.32 12.79
N ARG H 75 -22.17 -10.20 12.35
CA ARG H 75 -21.77 -10.25 10.95
C ARG H 75 -22.74 -11.11 10.16
N LEU H 76 -23.16 -10.60 9.01
CA LEU H 76 -23.98 -11.31 8.03
C LEU H 76 -23.06 -11.87 6.96
N GLN H 77 -23.27 -13.11 6.56
CA GLN H 77 -22.50 -13.60 5.43
C GLN H 77 -23.37 -13.58 4.19
N VAL H 78 -22.84 -13.05 3.09
CA VAL H 78 -23.53 -13.06 1.80
C VAL H 78 -22.50 -13.43 0.74
N SER H 79 -22.79 -14.49 0.00
CA SER H 79 -22.01 -14.91 -1.17
C SER H 79 -20.52 -15.02 -0.86
N HIS H 80 -20.22 -15.61 0.31
CA HIS H 80 -18.92 -16.00 0.85
C HIS H 80 -18.17 -14.89 1.57
N ARG H 81 -18.70 -13.68 1.61
CA ARG H 81 -18.02 -12.59 2.32
C ARG H 81 -18.89 -12.05 3.43
N LYS H 82 -18.34 -12.00 4.63
CA LYS H 82 -19.03 -11.46 5.79
C LYS H 82 -19.00 -9.93 5.84
N GLY H 83 -19.98 -9.35 6.54
CA GLY H 83 -20.06 -7.91 6.71
C GLY H 83 -21.01 -7.59 7.85
N LEU H 84 -21.13 -6.31 8.16
CA LEU H 84 -22.14 -5.93 9.16
C LEU H 84 -23.34 -5.32 8.46
N PRO H 85 -24.55 -5.80 8.75
CA PRO H 85 -25.69 -5.47 7.87
C PRO H 85 -25.94 -3.99 7.69
N HIS H 86 -25.99 -3.21 8.78
CA HIS H 86 -26.24 -1.79 8.58
C HIS H 86 -25.17 -1.16 7.70
N VAL H 87 -23.90 -1.59 7.85
CA VAL H 87 -22.84 -1.12 6.96
C VAL H 87 -23.14 -1.52 5.53
N ILE H 88 -23.55 -2.76 5.34
CA ILE H 88 -23.78 -3.25 4.00
C ILE H 88 -24.86 -2.42 3.32
N TYR H 89 -26.02 -2.31 3.96
CA TYR H 89 -27.15 -1.65 3.30
C TYR H 89 -27.04 -0.14 3.28
N CYS H 90 -26.36 0.48 4.24
CA CYS H 90 -26.10 1.91 4.08
C CYS H 90 -25.18 2.14 2.90
N ARG H 91 -24.19 1.28 2.77
CA ARG H 91 -23.34 1.35 1.60
C ARG H 91 -24.11 1.11 0.31
N VAL H 92 -25.08 0.20 0.33
CA VAL H 92 -25.83 -0.09 -0.89
C VAL H 92 -26.71 1.09 -1.28
N TRP H 93 -27.51 1.62 -0.35
CA TRP H 93 -28.51 2.64 -0.65
C TRP H 93 -28.11 4.09 -0.37
N ARG H 94 -27.10 4.39 0.44
CA ARG H 94 -26.79 5.79 0.72
C ARG H 94 -25.35 6.17 0.38
N TRP H 95 -24.36 5.66 1.06
CA TRP H 95 -22.98 6.03 0.73
C TRP H 95 -22.24 4.82 0.20
N PRO H 96 -21.98 4.72 -1.12
CA PRO H 96 -21.31 3.51 -1.59
C PRO H 96 -19.91 3.39 -1.06
N ASP H 97 -19.24 4.47 -0.79
CA ASP H 97 -17.86 4.37 -0.35
C ASP H 97 -17.71 4.16 1.13
N LEU H 98 -18.81 4.03 1.87
CA LEU H 98 -18.72 4.00 3.33
C LEU H 98 -17.73 2.94 3.78
N GLN H 99 -16.73 3.36 4.56
CA GLN H 99 -15.62 2.46 4.77
C GLN H 99 -15.81 1.47 5.92
N SER H 100 -16.42 1.86 7.03
CA SER H 100 -16.46 0.94 8.16
C SER H 100 -17.60 1.35 9.06
N HIS H 101 -17.93 0.46 10.03
CA HIS H 101 -19.03 0.79 10.93
C HIS H 101 -18.70 1.99 11.77
N HIS H 102 -17.41 2.31 11.92
CA HIS H 102 -17.00 3.50 12.67
C HIS H 102 -17.58 4.77 12.08
N GLU H 103 -17.75 4.82 10.77
CA GLU H 103 -18.27 6.01 10.13
C GLU H 103 -19.77 6.21 10.32
N LEU H 104 -20.45 5.24 10.92
CA LEU H 104 -21.89 5.33 11.10
C LEU H 104 -22.24 5.53 12.57
N LYS H 105 -23.13 6.48 12.84
CA LYS H 105 -23.67 6.68 14.18
C LYS H 105 -25.19 6.58 14.08
N PRO H 106 -25.85 5.89 15.03
CA PRO H 106 -27.32 5.74 14.95
C PRO H 106 -28.07 7.02 15.27
N LEU H 107 -29.35 7.03 14.90
CA LEU H 107 -30.22 8.17 15.16
C LEU H 107 -31.04 7.98 16.43
N ASP H 108 -31.46 9.12 17.00
CA ASP H 108 -32.29 9.08 18.20
C ASP H 108 -33.58 8.28 17.96
N ILE H 109 -34.14 8.35 16.75
CA ILE H 109 -35.42 7.68 16.47
C ILE H 109 -35.29 6.15 16.46
N CYS H 110 -34.12 5.63 16.10
CA CYS H 110 -34.00 4.21 15.78
C CYS H 110 -34.27 3.33 16.99
N GLU H 111 -35.32 2.49 16.87
CA GLU H 111 -35.69 1.61 17.96
C GLU H 111 -34.66 0.49 18.15
N PHE H 112 -34.08 -0.02 17.07
CA PHE H 112 -33.19 -1.17 17.16
C PHE H 112 -31.85 -0.90 16.49
N PRO H 113 -31.11 0.09 16.96
CA PRO H 113 -29.83 0.44 16.35
C PRO H 113 -28.79 -0.65 16.58
N PHE H 114 -27.64 -0.47 15.93
CA PHE H 114 -26.61 -1.51 15.95
C PHE H 114 -25.98 -1.69 17.33
N GLY H 115 -25.71 -0.60 18.04
CA GLY H 115 -25.07 -0.72 19.34
C GLY H 115 -25.88 -1.47 20.38
N SER H 116 -27.21 -1.47 20.25
CA SER H 116 -28.08 -1.95 21.31
C SER H 116 -27.80 -3.40 21.73
N LYS H 117 -27.19 -4.21 20.83
CA LYS H 117 -26.91 -5.63 21.08
C LYS H 117 -28.16 -6.44 21.41
N GLN H 118 -29.34 -6.00 20.95
CA GLN H 118 -30.59 -6.72 21.12
C GLN H 118 -30.73 -7.83 20.09
N LYS H 119 -31.88 -8.53 20.15
CA LYS H 119 -32.11 -9.72 19.33
C LYS H 119 -32.23 -9.41 17.84
N GLU H 120 -32.96 -8.37 17.46
CA GLU H 120 -33.06 -7.95 16.07
C GLU H 120 -32.31 -6.63 15.87
N VAL H 121 -31.98 -6.32 14.62
CA VAL H 121 -31.26 -5.08 14.30
C VAL H 121 -31.92 -4.35 13.13
N CYS H 122 -31.95 -3.03 13.24
CA CYS H 122 -32.56 -2.18 12.23
C CYS H 122 -31.52 -1.83 11.19
N ILE H 123 -31.83 -2.16 9.95
CA ILE H 123 -30.94 -1.98 8.82
C ILE H 123 -31.44 -0.85 7.91
N ASN H 124 -32.29 0.03 8.43
CA ASN H 124 -32.80 1.12 7.61
C ASN H 124 -31.68 2.14 7.41
N PRO H 125 -31.22 2.36 6.20
CA PRO H 125 -30.12 3.33 6.00
C PRO H 125 -30.46 4.75 6.49
N TYR H 126 -31.74 5.12 6.52
CA TYR H 126 -32.05 6.46 6.94
C TYR H 126 -32.19 6.60 8.45
N HIS H 127 -32.00 5.51 9.19
CA HIS H 127 -31.88 5.59 10.65
C HIS H 127 -30.45 5.87 11.07
N TYR H 128 -29.55 6.04 10.12
CA TYR H 128 -28.18 6.31 10.49
C TYR H 128 -27.68 7.58 9.83
N LYS H 129 -26.61 8.08 10.38
CA LYS H 129 -25.97 9.28 9.90
C LYS H 129 -24.50 8.94 9.73
N ARG H 130 -23.90 9.58 8.74
CA ARG H 130 -22.49 9.38 8.42
C ARG H 130 -21.68 10.42 9.15
N VAL H 131 -20.58 10.00 9.75
CA VAL H 131 -19.69 10.94 10.45
C VAL H 131 -18.23 10.63 10.15
N GLU H 132 -17.39 11.66 10.16
CA GLU H 132 -15.94 11.42 10.06
C GLU H 132 -15.45 10.74 11.35
N SER H 133 -14.49 9.82 11.21
CA SER H 133 -13.88 9.13 12.37
C SER H 133 -13.24 10.11 13.36
ZN ZN I . 26.58 25.28 3.07
ZN ZN J . -10.25 -2.24 -34.87
ZN ZN K . 19.00 -24.97 19.80
ZN ZN L . -34.43 1.82 12.92
#